data_5JL9
#
_entry.id   5JL9
#
_cell.length_a   140.016
_cell.length_b   140.016
_cell.length_c   119.379
_cell.angle_alpha   90.00
_cell.angle_beta   90.00
_cell.angle_gamma   120.00
#
_symmetry.space_group_name_H-M   'P 32 2 1'
#
loop_
_entity.id
_entity.type
_entity.pdbx_description
1 polymer Aromatase
2 non-polymer 'PROTOPORPHYRIN IX CONTAINING FE'
3 non-polymer 4-ANDROSTENE-3-17-DIONE
4 water water
#
_entity_poly.entity_id   1
_entity_poly.type   'polypeptide(L)'
_entity_poly.pdbx_seq_one_letter_code
;MVLEMLNPIHYNITSIVPEAMPAATMPVLLLTGLFLLVWNYEGTSSIPGPGYCMGIGPLISHGRFLWMGIGSACNYYNRV
YGEFMRVWISGEETLIISKSSSMFHIMKHNHYSSRFGSKLGLQCIGMHEKGIIFNNNPELWKTTRPFFMKALSGPGLVRM
VTVCAESLKTHLDRLEEVTNESGYVDVLTLLRRVMLDTSNTLFLRIPLDESAIVVKIQGYFDAWQALLIKPDIFFKISWL
YKKYEKSVKDLKDAIEVLIAEKRRRISTEEKLEECMDFATELILAEKRGDLTRENVNQCILEMLIAAPDTMSVSLFFMLF
LIAKHPNVEEAIIKEIQTVIGERDIKIDDIQKLKVMENFIYESMRYQPVVDLVMRKALEDDVIDGYPVKKGTNIILNIGR
MHRLEFFPKPNEFTLENFAKNVPYRYFQPFGFGPRGCAGKYIAMVMMKAILVTLLRRFHVKTLQGQCVESIQKIHDLSLH
PDETKNMLEMIFTPRNSDRCLEH
;
_entity_poly.pdbx_strand_id   A
#
loop_
_chem_comp.id
_chem_comp.type
_chem_comp.name
_chem_comp.formula
ASD non-polymer 4-ANDROSTENE-3-17-DIONE 'C19 H26 O2'
HEM non-polymer 'PROTOPORPHYRIN IX CONTAINING FE' 'C34 H32 Fe N4 O4'
#
# COMPACT_ATOMS: atom_id res chain seq x y z
N SER A 45 -13.29 -31.03 8.96
CA SER A 45 -13.35 -30.69 7.51
C SER A 45 -11.97 -30.83 6.85
N SER A 46 -11.89 -31.67 5.82
CA SER A 46 -10.72 -31.71 4.91
C SER A 46 -10.76 -30.49 3.98
N ILE A 47 -9.65 -30.26 3.29
CA ILE A 47 -9.42 -28.99 2.61
C ILE A 47 -9.75 -29.05 1.11
N PRO A 48 -10.49 -28.05 0.59
CA PRO A 48 -10.68 -27.97 -0.86
C PRO A 48 -9.39 -27.64 -1.63
N GLY A 49 -9.51 -27.50 -2.95
CA GLY A 49 -8.37 -27.15 -3.83
C GLY A 49 -7.92 -28.29 -4.71
N PRO A 50 -7.06 -28.02 -5.72
CA PRO A 50 -6.65 -28.99 -6.73
C PRO A 50 -5.98 -30.23 -6.16
N GLY A 51 -5.92 -31.27 -6.97
CA GLY A 51 -5.33 -32.52 -6.57
C GLY A 51 -3.82 -32.42 -6.44
N TYR A 52 -3.29 -33.08 -5.40
CA TYR A 52 -1.87 -33.31 -5.26
C TYR A 52 -1.53 -34.50 -6.15
N CYS A 53 -1.36 -34.25 -7.45
CA CYS A 53 -1.08 -35.32 -8.43
C CYS A 53 0.36 -35.83 -8.29
N MET A 54 0.66 -36.43 -7.14
CA MET A 54 2.00 -36.90 -6.75
C MET A 54 3.13 -35.98 -7.22
N GLY A 55 2.95 -34.67 -7.01
CA GLY A 55 3.98 -33.66 -7.28
C GLY A 55 3.83 -32.86 -8.56
N ILE A 56 2.63 -32.81 -9.13
CA ILE A 56 2.33 -31.92 -10.27
C ILE A 56 1.44 -30.76 -9.82
N GLY A 57 0.47 -31.03 -8.95
CA GLY A 57 -0.37 -29.99 -8.36
C GLY A 57 0.42 -28.80 -7.86
N PRO A 58 1.43 -29.05 -7.01
CA PRO A 58 2.35 -28.00 -6.54
C PRO A 58 3.06 -27.19 -7.64
N LEU A 59 3.45 -27.84 -8.72
CA LEU A 59 4.16 -27.16 -9.82
C LEU A 59 3.23 -26.36 -10.70
N ILE A 60 2.05 -26.89 -11.02
CA ILE A 60 1.10 -26.14 -11.84
C ILE A 60 0.63 -24.90 -11.09
N SER A 61 0.38 -25.03 -9.78
CA SER A 61 -0.19 -23.95 -8.99
C SER A 61 0.82 -22.82 -8.81
N HIS A 62 2.05 -23.17 -8.44
CA HIS A 62 3.11 -22.18 -8.38
C HIS A 62 3.23 -21.50 -9.74
N GLY A 63 3.34 -22.31 -10.80
CA GLY A 63 3.41 -21.80 -12.18
C GLY A 63 2.24 -20.90 -12.56
N ARG A 64 1.05 -21.23 -12.08
CA ARG A 64 -0.14 -20.41 -12.30
C ARG A 64 -0.01 -19.03 -11.65
N PHE A 65 0.52 -19.01 -10.42
CA PHE A 65 0.81 -17.76 -9.71
C PHE A 65 1.83 -16.90 -10.45
N LEU A 66 2.84 -17.54 -11.03
CA LEU A 66 3.86 -16.85 -11.81
C LEU A 66 3.27 -16.34 -13.13
N TRP A 67 2.48 -17.18 -13.77
CA TRP A 67 1.93 -16.88 -15.09
C TRP A 67 0.87 -15.77 -14.99
N MET A 68 -0.10 -15.97 -14.10
CA MET A 68 -1.22 -15.05 -13.97
C MET A 68 -0.93 -13.81 -13.11
N GLY A 69 -0.04 -13.96 -12.13
CA GLY A 69 0.15 -12.94 -11.09
C GLY A 69 -0.60 -13.36 -9.84
N ILE A 70 -0.07 -12.99 -8.68
CA ILE A 70 -0.55 -13.51 -7.40
C ILE A 70 -2.04 -13.27 -7.22
N GLY A 71 -2.49 -12.04 -7.49
CA GLY A 71 -3.86 -11.65 -7.21
C GLY A 71 -4.90 -12.31 -8.07
N SER A 72 -4.68 -12.32 -9.39
CA SER A 72 -5.57 -13.02 -10.31
C SER A 72 -5.59 -14.55 -10.07
N ALA A 73 -4.45 -15.13 -9.70
CA ALA A 73 -4.39 -16.54 -9.30
C ALA A 73 -5.28 -16.82 -8.07
N CYS A 74 -5.23 -15.94 -7.08
CA CYS A 74 -6.07 -16.08 -5.89
C CYS A 74 -7.54 -16.07 -6.25
N ASN A 75 -7.92 -15.16 -7.15
CA ASN A 75 -9.29 -15.08 -7.60
C ASN A 75 -9.71 -16.28 -8.41
N TYR A 76 -8.84 -16.71 -9.33
CA TYR A 76 -9.10 -17.92 -10.09
C TYR A 76 -9.40 -19.06 -9.14
N TYR A 77 -8.47 -19.31 -8.23
CA TYR A 77 -8.57 -20.44 -7.31
C TYR A 77 -9.75 -20.36 -6.35
N ASN A 78 -10.12 -19.16 -5.93
CA ASN A 78 -11.32 -18.97 -5.12
C ASN A 78 -12.63 -19.22 -5.88
N ARG A 79 -12.65 -18.81 -7.14
CA ARG A 79 -13.84 -18.89 -7.95
C ARG A 79 -14.07 -20.35 -8.36
N VAL A 80 -13.01 -21.06 -8.75
CA VAL A 80 -13.09 -22.49 -9.10
C VAL A 80 -13.47 -23.31 -7.87
N TYR A 81 -12.58 -23.31 -6.88
CA TYR A 81 -12.74 -24.11 -5.65
C TYR A 81 -13.48 -23.24 -4.61
N GLY A 82 -13.43 -23.59 -3.33
CA GLY A 82 -14.14 -22.80 -2.31
C GLY A 82 -13.64 -21.38 -2.08
N GLU A 83 -14.28 -20.70 -1.12
CA GLU A 83 -13.75 -19.46 -0.54
C GLU A 83 -12.76 -19.74 0.60
N PHE A 84 -12.36 -21.01 0.73
CA PHE A 84 -11.32 -21.42 1.66
C PHE A 84 -10.71 -22.65 1.02
N MET A 85 -9.50 -22.51 0.49
CA MET A 85 -8.88 -23.58 -0.29
C MET A 85 -7.36 -23.58 -0.19
N ARG A 86 -6.74 -24.65 -0.69
CA ARG A 86 -5.31 -24.88 -0.52
C ARG A 86 -4.64 -24.96 -1.88
N VAL A 87 -3.39 -24.52 -1.90
CA VAL A 87 -2.56 -24.45 -3.10
C VAL A 87 -1.12 -24.65 -2.59
N TRP A 88 -0.13 -24.72 -3.49
CA TRP A 88 1.26 -24.74 -3.08
C TRP A 88 2.04 -23.61 -3.75
N ILE A 89 2.81 -22.88 -2.94
CA ILE A 89 3.75 -21.89 -3.45
C ILE A 89 5.11 -22.36 -2.95
N SER A 90 6.04 -22.40 -3.89
CA SER A 90 7.15 -23.36 -3.86
C SER A 90 6.62 -24.72 -3.39
N GLY A 91 7.23 -25.32 -2.37
CA GLY A 91 6.72 -26.54 -1.82
C GLY A 91 5.51 -26.26 -0.96
N GLU A 92 5.66 -25.31 -0.03
CA GLU A 92 4.80 -25.22 1.14
C GLU A 92 3.33 -24.94 0.83
N GLU A 93 2.48 -25.60 1.62
CA GLU A 93 1.03 -25.52 1.46
C GLU A 93 0.61 -24.12 1.83
N THR A 94 -0.19 -23.52 0.96
CA THR A 94 -0.58 -22.11 1.11
C THR A 94 -2.10 -21.97 0.92
N LEU A 95 -2.77 -21.54 1.99
CA LEU A 95 -4.22 -21.36 1.99
C LEU A 95 -4.59 -20.01 1.38
N ILE A 96 -5.61 -20.02 0.54
CA ILE A 96 -6.13 -18.78 -0.02
C ILE A 96 -7.62 -18.73 0.40
N ILE A 97 -7.98 -17.64 1.08
CA ILE A 97 -9.15 -17.56 1.94
C ILE A 97 -9.84 -16.21 1.75
N SER A 98 -11.09 -16.23 1.31
CA SER A 98 -11.90 -14.99 1.26
C SER A 98 -13.01 -14.89 2.33
N LYS A 99 -13.16 -15.90 3.19
CA LYS A 99 -14.25 -15.92 4.18
C LYS A 99 -14.04 -14.91 5.31
N SER A 100 -14.94 -13.95 5.43
CA SER A 100 -14.86 -12.88 6.43
C SER A 100 -14.49 -13.36 7.83
N SER A 101 -15.07 -14.48 8.24
CA SER A 101 -14.81 -15.09 9.55
C SER A 101 -13.36 -15.50 9.72
N SER A 102 -12.84 -16.21 8.71
CA SER A 102 -11.46 -16.69 8.75
C SER A 102 -10.47 -15.53 8.75
N MET A 103 -10.72 -14.56 7.87
CA MET A 103 -9.95 -13.32 7.84
C MET A 103 -9.88 -12.75 9.25
N PHE A 104 -11.04 -12.60 9.88
CA PHE A 104 -11.09 -11.94 11.18
C PHE A 104 -10.35 -12.71 12.25
N HIS A 105 -10.43 -14.03 12.20
CA HIS A 105 -9.71 -14.89 13.15
C HIS A 105 -8.21 -14.62 13.04
N ILE A 106 -7.74 -14.66 11.80
CA ILE A 106 -6.32 -14.56 11.47
C ILE A 106 -5.70 -13.23 11.88
N MET A 107 -6.33 -12.13 11.52
CA MET A 107 -5.77 -10.80 11.77
C MET A 107 -5.84 -10.43 13.26
N LYS A 108 -6.89 -10.89 13.93
CA LYS A 108 -7.12 -10.74 15.38
C LYS A 108 -6.02 -11.35 16.25
N HIS A 109 -5.65 -12.61 15.95
CA HIS A 109 -4.74 -13.40 16.79
C HIS A 109 -3.26 -13.16 16.52
N ASN A 110 -2.48 -13.26 17.60
CA ASN A 110 -1.03 -13.00 17.55
C ASN A 110 -0.16 -14.06 16.89
N HIS A 111 -0.69 -15.26 16.71
CA HIS A 111 0.06 -16.36 16.09
C HIS A 111 -0.08 -16.40 14.56
N TYR A 112 -0.55 -15.30 13.96
CA TYR A 112 -0.48 -15.08 12.52
C TYR A 112 0.34 -13.84 12.15
N SER A 113 1.00 -13.22 13.12
CA SER A 113 1.79 -11.99 12.89
C SER A 113 3.11 -12.27 12.17
N SER A 114 3.05 -12.96 11.03
CA SER A 114 4.18 -13.15 10.11
C SER A 114 3.62 -13.07 8.73
N ARG A 115 4.49 -12.82 7.75
CA ARG A 115 4.14 -12.99 6.33
C ARG A 115 4.96 -14.13 5.78
N PHE A 116 5.12 -14.22 4.45
CA PHE A 116 6.02 -15.18 3.85
C PHE A 116 6.56 -14.72 2.52
N GLY A 117 7.43 -15.54 1.93
CA GLY A 117 7.95 -15.31 0.59
C GLY A 117 9.36 -15.80 0.45
N SER A 118 9.81 -15.89 -0.80
CA SER A 118 11.16 -16.31 -1.11
C SER A 118 12.21 -15.65 -0.22
N LYS A 119 12.89 -16.45 0.59
CA LYS A 119 14.03 -15.95 1.37
C LYS A 119 15.13 -15.32 0.48
N LEU A 120 15.39 -15.91 -0.68
CA LEU A 120 16.43 -15.39 -1.57
C LEU A 120 15.98 -14.08 -2.22
N GLY A 121 14.69 -14.00 -2.51
CA GLY A 121 14.08 -12.80 -3.06
C GLY A 121 14.00 -11.66 -2.06
N LEU A 122 13.66 -12.00 -0.82
CA LEU A 122 13.60 -11.01 0.25
C LEU A 122 15.00 -10.51 0.59
N GLN A 123 15.97 -11.42 0.69
CA GLN A 123 17.38 -11.04 0.87
C GLN A 123 17.83 -10.10 -0.24
N CYS A 124 17.39 -10.38 -1.45
CA CYS A 124 17.76 -9.58 -2.60
C CYS A 124 17.33 -8.11 -2.45
N ILE A 125 16.09 -7.88 -2.04
CA ILE A 125 15.56 -6.52 -1.87
C ILE A 125 15.82 -5.91 -0.49
N GLY A 126 16.38 -6.69 0.41
CA GLY A 126 16.75 -6.22 1.73
C GLY A 126 15.62 -6.26 2.75
N MET A 127 14.58 -7.05 2.49
CA MET A 127 13.46 -7.20 3.42
C MET A 127 13.54 -8.45 4.26
N HIS A 128 14.50 -9.34 3.99
CA HIS A 128 14.63 -10.59 4.77
C HIS A 128 15.13 -10.27 6.18
N GLU A 129 14.25 -10.51 7.15
CA GLU A 129 14.52 -10.26 8.56
C GLU A 129 15.04 -8.85 8.87
N LYS A 130 14.58 -7.85 8.12
CA LYS A 130 15.06 -6.49 8.32
C LYS A 130 14.00 -5.47 8.67
N GLY A 131 13.23 -4.96 7.71
CA GLY A 131 12.39 -3.79 8.00
C GLY A 131 11.20 -4.08 8.91
N ILE A 132 9.99 -3.81 8.44
CA ILE A 132 8.82 -4.47 8.99
C ILE A 132 7.88 -5.13 8.01
N ILE A 133 7.80 -4.65 6.76
CA ILE A 133 6.69 -5.05 5.89
C ILE A 133 6.71 -6.56 5.67
N PHE A 134 7.85 -7.09 5.24
CA PHE A 134 8.03 -8.54 5.06
C PHE A 134 9.08 -9.13 6.02
N ASN A 135 9.26 -8.46 7.17
CA ASN A 135 10.15 -8.96 8.21
C ASN A 135 9.41 -10.04 8.96
N ASN A 136 9.74 -11.29 8.66
CA ASN A 136 9.04 -12.45 9.23
C ASN A 136 9.68 -13.05 10.49
N ASN A 137 10.78 -12.47 10.97
CA ASN A 137 11.31 -12.78 12.30
C ASN A 137 10.42 -12.16 13.37
N PRO A 138 9.70 -12.99 14.15
CA PRO A 138 8.75 -12.44 15.12
C PRO A 138 9.31 -11.46 16.15
N GLU A 139 10.50 -11.74 16.66
CA GLU A 139 11.07 -10.97 17.77
C GLU A 139 11.62 -9.68 17.23
N LEU A 140 12.23 -9.76 16.06
CA LEU A 140 12.82 -8.60 15.44
C LEU A 140 11.75 -7.68 14.88
N TRP A 141 10.71 -8.27 14.30
CA TRP A 141 9.52 -7.52 13.86
C TRP A 141 8.87 -6.80 15.03
N LYS A 142 8.75 -7.52 16.14
CA LYS A 142 8.18 -7.00 17.38
C LYS A 142 8.91 -5.75 17.85
N THR A 143 10.24 -5.75 17.79
CA THR A 143 11.05 -4.63 18.29
C THR A 143 11.09 -3.44 17.33
N THR A 144 10.90 -3.69 16.05
CA THR A 144 10.97 -2.64 15.02
C THR A 144 9.65 -1.90 14.84
N ARG A 145 8.55 -2.64 14.85
CA ARG A 145 7.24 -2.06 14.54
C ARG A 145 6.89 -0.81 15.37
N PRO A 146 7.15 -0.82 16.69
CA PRO A 146 6.84 0.35 17.52
C PRO A 146 7.34 1.69 17.00
N PHE A 147 8.50 1.69 16.35
CA PHE A 147 9.04 2.92 15.78
C PHE A 147 8.10 3.47 14.72
N PHE A 148 7.67 2.60 13.81
CA PHE A 148 6.71 2.97 12.78
C PHE A 148 5.42 3.45 13.38
N MET A 149 4.93 2.71 14.38
CA MET A 149 3.63 2.99 14.99
C MET A 149 3.58 4.33 15.72
N LYS A 150 4.70 4.73 16.31
CA LYS A 150 4.78 6.04 16.98
C LYS A 150 4.69 7.16 15.95
N ALA A 151 5.49 7.04 14.89
CA ALA A 151 5.61 8.05 13.83
C ALA A 151 4.34 8.30 13.01
N LEU A 152 3.43 7.31 12.97
CA LEU A 152 2.23 7.38 12.14
C LEU A 152 0.96 7.68 12.95
N SER A 153 1.12 8.37 14.08
CA SER A 153 0.02 8.67 15.00
C SER A 153 0.34 9.86 15.94
N GLY A 154 -0.69 10.31 16.66
CA GLY A 154 -0.55 11.41 17.61
C GLY A 154 -0.12 12.69 16.93
N PRO A 155 1.01 13.29 17.36
CA PRO A 155 1.41 14.59 16.81
C PRO A 155 1.81 14.56 15.33
N GLY A 156 2.43 13.47 14.90
CA GLY A 156 2.85 13.31 13.50
C GLY A 156 1.67 13.18 12.56
N LEU A 157 0.60 12.57 13.01
CA LEU A 157 -0.65 12.52 12.25
C LEU A 157 -1.33 13.89 12.15
N VAL A 158 -1.20 14.72 13.19
CA VAL A 158 -1.69 16.09 13.15
C VAL A 158 -0.86 16.94 12.17
N ARG A 159 0.47 16.83 12.25
CA ARG A 159 1.36 17.53 11.31
C ARG A 159 1.06 17.18 9.86
N MET A 160 0.78 15.90 9.63
CA MET A 160 0.57 15.36 8.31
C MET A 160 -0.52 16.06 7.51
N VAL A 161 -1.59 16.49 8.17
CA VAL A 161 -2.73 17.08 7.47
C VAL A 161 -2.35 18.35 6.71
N THR A 162 -1.38 19.11 7.22
CA THR A 162 -0.96 20.37 6.57
C THR A 162 0.27 20.16 5.68
N VAL A 163 1.16 19.25 6.08
CA VAL A 163 2.32 18.85 5.28
C VAL A 163 1.87 18.28 3.93
N CYS A 164 0.82 17.46 3.95
CA CYS A 164 0.16 16.97 2.74
C CYS A 164 -0.38 18.09 1.87
N ALA A 165 -1.14 18.99 2.49
CA ALA A 165 -1.77 20.10 1.78
C ALA A 165 -0.75 21.01 1.14
N GLU A 166 0.26 21.44 1.90
CA GLU A 166 1.26 22.37 1.37
C GLU A 166 2.09 21.74 0.26
N SER A 167 2.37 20.44 0.38
CA SER A 167 3.12 19.72 -0.65
C SER A 167 2.35 19.66 -1.95
N LEU A 168 1.07 19.33 -1.89
CA LEU A 168 0.25 19.27 -3.09
C LEU A 168 0.08 20.66 -3.71
N LYS A 169 -0.24 21.66 -2.89
CA LYS A 169 -0.28 23.06 -3.33
C LYS A 169 0.98 23.40 -4.09
N THR A 170 2.13 23.13 -3.47
CA THR A 170 3.40 23.49 -4.04
C THR A 170 3.58 22.83 -5.42
N HIS A 171 3.09 21.60 -5.55
CA HIS A 171 3.16 20.84 -6.80
C HIS A 171 2.13 21.23 -7.84
N LEU A 172 0.96 21.67 -7.39
CA LEU A 172 -0.09 22.15 -8.30
C LEU A 172 0.26 23.53 -8.91
N ASP A 173 1.11 24.31 -8.25
CA ASP A 173 1.65 25.54 -8.84
C ASP A 173 2.75 25.27 -9.86
N ARG A 174 3.44 24.14 -9.72
CA ARG A 174 4.43 23.66 -10.70
C ARG A 174 3.83 22.54 -11.58
N LEU A 175 2.65 22.80 -12.14
CA LEU A 175 1.93 21.79 -12.93
C LEU A 175 2.53 21.57 -14.35
N GLU A 176 3.38 22.49 -14.79
CA GLU A 176 4.20 22.33 -16.00
C GLU A 176 5.12 21.12 -16.00
N GLU A 177 5.56 20.72 -14.80
CA GLU A 177 6.45 19.58 -14.61
C GLU A 177 5.85 18.23 -14.96
N VAL A 178 4.53 18.20 -15.10
CA VAL A 178 3.76 16.99 -15.27
C VAL A 178 2.72 17.07 -16.42
N THR A 179 2.51 18.26 -17.02
CA THR A 179 1.45 18.46 -18.01
C THR A 179 1.95 18.46 -19.48
N ASN A 180 1.14 17.87 -20.36
CA ASN A 180 1.41 17.76 -21.80
C ASN A 180 1.31 19.10 -22.53
N GLU A 181 1.68 19.13 -23.81
CA GLU A 181 1.24 20.22 -24.69
C GLU A 181 -0.28 20.18 -24.84
N SER A 182 -0.84 18.98 -25.01
CA SER A 182 -2.30 18.81 -25.18
C SER A 182 -3.10 19.00 -23.88
N GLY A 183 -2.43 19.33 -22.77
CA GLY A 183 -3.08 19.57 -21.47
C GLY A 183 -3.23 18.35 -20.56
N TYR A 184 -2.71 17.21 -20.99
CA TYR A 184 -2.83 15.95 -20.25
C TYR A 184 -1.85 15.86 -19.06
N VAL A 185 -2.39 15.75 -17.84
CA VAL A 185 -1.54 15.57 -16.66
C VAL A 185 -1.24 14.10 -16.40
N ASP A 186 0.02 13.84 -16.07
CA ASP A 186 0.51 12.54 -15.65
C ASP A 186 0.25 12.41 -14.15
N VAL A 187 -0.98 12.05 -13.82
CA VAL A 187 -1.44 12.09 -12.44
C VAL A 187 -0.59 11.18 -11.57
N LEU A 188 -0.40 9.93 -12.01
CA LEU A 188 0.48 8.98 -11.30
C LEU A 188 1.78 9.62 -10.84
N THR A 189 2.54 10.18 -11.76
CA THR A 189 3.81 10.83 -11.41
C THR A 189 3.62 12.04 -10.51
N LEU A 190 2.62 12.87 -10.77
CA LEU A 190 2.34 13.97 -9.87
C LEU A 190 2.17 13.43 -8.45
N LEU A 191 1.26 12.48 -8.29
CA LEU A 191 0.93 11.93 -6.98
C LEU A 191 2.14 11.32 -6.28
N ARG A 192 2.92 10.54 -7.02
CA ARG A 192 4.11 9.90 -6.45
C ARG A 192 5.06 10.92 -5.87
N ARG A 193 5.26 12.02 -6.59
CA ARG A 193 6.17 13.07 -6.16
C ARG A 193 5.70 13.77 -4.89
N VAL A 194 4.39 13.95 -4.73
CA VAL A 194 3.90 14.63 -3.52
C VAL A 194 3.92 13.66 -2.34
N MET A 195 3.54 12.41 -2.59
CA MET A 195 3.67 11.33 -1.59
C MET A 195 5.08 11.19 -1.07
N LEU A 196 6.06 11.28 -1.95
CA LEU A 196 7.46 11.26 -1.55
C LEU A 196 7.88 12.51 -0.79
N ASP A 197 7.46 13.68 -1.28
CA ASP A 197 7.80 14.95 -0.62
C ASP A 197 7.23 15.02 0.79
N THR A 198 5.97 14.61 0.89
CA THR A 198 5.25 14.50 2.15
C THR A 198 6.02 13.58 3.11
N SER A 199 6.26 12.34 2.67
CA SER A 199 6.94 11.32 3.47
C SER A 199 8.28 11.82 3.96
N ASN A 200 9.08 12.35 3.05
CA ASN A 200 10.35 12.95 3.42
C ASN A 200 10.21 14.03 4.49
N THR A 201 9.41 15.05 4.23
CA THR A 201 9.34 16.18 5.15
C THR A 201 8.77 15.83 6.54
N LEU A 202 8.11 14.68 6.68
CA LEU A 202 7.62 14.22 7.97
C LEU A 202 8.58 13.26 8.69
N PHE A 203 9.10 12.28 7.98
CA PHE A 203 9.86 11.17 8.59
C PHE A 203 11.38 11.30 8.52
N LEU A 204 11.89 12.20 7.71
CA LEU A 204 13.34 12.26 7.43
C LEU A 204 13.87 13.69 7.29
N ARG A 205 13.26 14.42 6.37
CA ARG A 205 13.61 15.79 6.01
C ARG A 205 15.11 16.01 5.78
N ILE A 206 15.55 15.48 4.64
CA ILE A 206 16.80 15.83 3.99
C ILE A 206 16.37 16.17 2.56
N PRO A 207 16.95 17.22 1.96
CA PRO A 207 16.62 17.49 0.54
C PRO A 207 17.07 16.37 -0.40
N LEU A 208 16.29 16.14 -1.47
CA LEU A 208 16.52 15.01 -2.37
C LEU A 208 15.99 15.27 -3.79
N ASP A 209 16.43 14.45 -4.74
CA ASP A 209 15.95 14.53 -6.11
C ASP A 209 14.59 13.85 -6.23
N GLU A 210 13.55 14.63 -5.96
CA GLU A 210 12.17 14.14 -5.97
C GLU A 210 11.88 13.24 -7.17
N SER A 211 12.13 13.76 -8.38
CA SER A 211 11.84 13.05 -9.63
C SER A 211 12.60 11.75 -9.78
N ALA A 212 13.89 11.78 -9.47
CA ALA A 212 14.77 10.61 -9.62
C ALA A 212 14.41 9.50 -8.65
N ILE A 213 14.18 9.88 -7.39
CA ILE A 213 13.85 8.91 -6.34
C ILE A 213 12.51 8.26 -6.61
N VAL A 214 11.55 9.01 -7.15
CA VAL A 214 10.25 8.44 -7.53
C VAL A 214 10.44 7.32 -8.54
N VAL A 215 11.32 7.53 -9.52
CA VAL A 215 11.59 6.51 -10.52
C VAL A 215 12.28 5.30 -9.90
N LYS A 216 13.22 5.55 -8.99
CA LYS A 216 13.94 4.47 -8.31
C LYS A 216 13.01 3.64 -7.44
N ILE A 217 12.12 4.30 -6.71
CA ILE A 217 11.10 3.62 -5.90
C ILE A 217 10.26 2.66 -6.74
N GLN A 218 9.85 3.10 -7.94
CA GLN A 218 9.10 2.23 -8.86
C GLN A 218 9.89 0.98 -9.23
N GLY A 219 11.19 1.16 -9.46
CA GLY A 219 12.09 0.07 -9.77
C GLY A 219 12.21 -0.91 -8.64
N TYR A 220 12.28 -0.39 -7.42
CA TYR A 220 12.34 -1.22 -6.22
C TYR A 220 11.06 -2.02 -6.08
N PHE A 221 9.91 -1.36 -6.23
CA PHE A 221 8.64 -2.05 -6.11
C PHE A 221 8.56 -3.18 -7.14
N ASP A 222 8.91 -2.87 -8.38
CA ASP A 222 8.83 -3.86 -9.46
C ASP A 222 9.69 -5.07 -9.14
N ALA A 223 10.88 -4.81 -8.60
CA ALA A 223 11.82 -5.85 -8.18
C ALA A 223 11.22 -6.71 -7.09
N TRP A 224 10.81 -6.05 -6.01
CA TRP A 224 10.08 -6.67 -4.90
C TRP A 224 8.96 -7.58 -5.42
N GLN A 225 8.08 -7.00 -6.22
CA GLN A 225 6.97 -7.72 -6.79
C GLN A 225 7.41 -8.96 -7.57
N ALA A 226 8.45 -8.80 -8.38
CA ALA A 226 8.96 -9.89 -9.22
C ALA A 226 9.48 -11.07 -8.40
N LEU A 227 10.34 -10.79 -7.43
CA LEU A 227 11.10 -11.82 -6.72
C LEU A 227 10.42 -12.41 -5.49
N LEU A 228 9.22 -11.95 -5.16
CA LEU A 228 8.65 -12.27 -3.85
C LEU A 228 8.31 -13.75 -3.71
N ILE A 229 7.85 -14.37 -4.80
CA ILE A 229 7.52 -15.81 -4.82
C ILE A 229 8.20 -16.60 -5.94
N LYS A 230 9.37 -16.15 -6.40
CA LYS A 230 10.15 -16.89 -7.38
C LYS A 230 10.82 -18.11 -6.74
N PRO A 231 10.76 -19.30 -7.40
CA PRO A 231 11.37 -20.51 -6.85
C PRO A 231 12.88 -20.44 -6.89
N ASP A 232 13.54 -21.17 -5.99
CA ASP A 232 15.00 -21.07 -5.81
C ASP A 232 15.78 -21.21 -7.12
N ILE A 233 15.39 -22.21 -7.92
CA ILE A 233 15.85 -22.38 -9.34
C ILE A 233 16.14 -21.06 -10.07
N PHE A 234 15.19 -20.12 -9.99
CA PHE A 234 15.26 -18.80 -10.63
C PHE A 234 16.52 -18.02 -10.27
N PHE A 235 16.94 -18.14 -9.02
CA PHE A 235 18.09 -17.40 -8.52
C PHE A 235 19.44 -18.02 -8.85
N LYS A 236 19.46 -19.26 -9.38
CA LYS A 236 20.70 -19.88 -9.85
C LYS A 236 21.08 -19.27 -11.21
N ILE A 237 20.15 -19.28 -12.16
CA ILE A 237 20.38 -18.70 -13.50
C ILE A 237 20.36 -17.16 -13.45
N SER A 238 21.54 -16.58 -13.22
CA SER A 238 21.65 -15.21 -12.70
C SER A 238 21.76 -14.05 -13.71
N TRP A 239 21.68 -14.33 -15.00
CA TRP A 239 21.35 -13.26 -15.97
C TRP A 239 19.81 -13.18 -16.17
N LEU A 240 19.05 -13.65 -15.18
CA LEU A 240 17.59 -13.56 -15.15
C LEU A 240 17.08 -12.61 -14.05
N TYR A 241 17.92 -12.29 -13.06
CA TYR A 241 17.55 -11.33 -12.00
C TYR A 241 18.54 -10.19 -11.74
N LYS A 242 19.70 -10.18 -12.39
CA LYS A 242 20.69 -9.06 -12.28
C LYS A 242 20.02 -7.72 -12.59
N LYS A 243 19.09 -7.75 -13.56
CA LYS A 243 18.17 -6.66 -13.89
C LYS A 243 17.63 -5.99 -12.61
N TYR A 244 16.97 -6.81 -11.78
CA TYR A 244 16.29 -6.35 -10.57
C TYR A 244 17.26 -5.93 -9.47
N GLU A 245 18.25 -6.79 -9.23
CA GLU A 245 19.37 -6.50 -8.33
C GLU A 245 19.93 -5.07 -8.48
N LYS A 246 19.95 -4.56 -9.72
CA LYS A 246 20.44 -3.21 -10.00
C LYS A 246 19.43 -2.11 -9.57
N SER A 247 18.13 -2.36 -9.77
CA SER A 247 17.08 -1.45 -9.29
C SER A 247 17.16 -1.23 -7.77
N VAL A 248 17.40 -2.32 -7.04
CA VAL A 248 17.49 -2.29 -5.59
C VAL A 248 18.70 -1.48 -5.17
N LYS A 249 19.86 -1.81 -5.74
CA LYS A 249 21.10 -1.09 -5.49
C LYS A 249 20.93 0.42 -5.71
N ASP A 250 20.28 0.78 -6.83
CA ASP A 250 20.08 2.20 -7.18
C ASP A 250 19.31 2.98 -6.11
N LEU A 251 18.19 2.43 -5.66
CA LEU A 251 17.41 3.04 -4.58
C LEU A 251 18.18 3.00 -3.26
N LYS A 252 18.65 1.82 -2.89
CA LYS A 252 19.38 1.63 -1.64
C LYS A 252 20.59 2.56 -1.51
N ASP A 253 21.27 2.83 -2.63
CA ASP A 253 22.44 3.71 -2.62
C ASP A 253 22.07 5.18 -2.56
N ALA A 254 20.97 5.55 -3.22
CA ALA A 254 20.42 6.91 -3.14
C ALA A 254 19.94 7.30 -1.74
N ILE A 255 19.44 6.31 -1.00
CA ILE A 255 19.00 6.51 0.37
C ILE A 255 20.20 6.52 1.32
N GLU A 256 21.25 5.74 1.04
CA GLU A 256 22.45 5.74 1.90
C GLU A 256 23.05 7.14 1.97
N VAL A 257 22.99 7.86 0.85
CA VAL A 257 23.41 9.28 0.76
C VAL A 257 22.61 10.15 1.75
N LEU A 258 21.30 10.02 1.72
CA LEU A 258 20.41 10.83 2.53
C LEU A 258 20.57 10.52 4.01
N ILE A 259 20.56 9.23 4.37
CA ILE A 259 20.73 8.82 5.77
C ILE A 259 22.10 9.21 6.29
N ALA A 260 23.10 9.26 5.40
CA ALA A 260 24.44 9.69 5.78
C ALA A 260 24.44 11.14 6.23
N GLU A 261 23.80 12.01 5.45
CA GLU A 261 23.62 13.42 5.83
C GLU A 261 22.78 13.55 7.10
N LYS A 262 21.71 12.77 7.20
CA LYS A 262 20.85 12.79 8.37
C LYS A 262 21.65 12.46 9.62
N ARG A 263 22.59 11.51 9.51
CA ARG A 263 23.49 11.16 10.61
C ARG A 263 24.35 12.34 11.05
N ARG A 264 25.02 12.99 10.08
CA ARG A 264 25.84 14.20 10.32
C ARG A 264 25.05 15.29 11.04
N ARG A 265 23.87 15.60 10.51
CA ARG A 265 23.03 16.63 11.10
C ARG A 265 22.66 16.31 12.54
N ILE A 266 22.44 15.04 12.85
CA ILE A 266 22.10 14.62 14.21
C ILE A 266 23.27 14.81 15.19
N SER A 267 24.49 14.48 14.75
CA SER A 267 25.66 14.59 15.63
C SER A 267 25.99 16.06 15.99
N THR A 268 25.91 16.95 15.01
CA THR A 268 26.13 18.39 15.25
C THR A 268 24.96 19.05 16.01
N GLU A 269 23.73 18.59 15.74
CA GLU A 269 22.50 19.20 16.29
C GLU A 269 22.58 19.58 17.76
N GLU A 270 22.13 20.79 18.07
CA GLU A 270 22.16 21.33 19.44
C GLU A 270 20.95 20.87 20.26
N LYS A 271 19.77 21.47 20.02
CA LYS A 271 18.55 21.12 20.76
C LYS A 271 17.90 19.92 20.09
N LEU A 272 18.44 18.73 20.38
CA LEU A 272 17.97 17.48 19.79
C LEU A 272 16.55 17.09 20.26
N GLU A 273 16.16 17.56 21.45
CA GLU A 273 14.85 17.26 22.05
C GLU A 273 13.70 17.86 21.21
N GLU A 274 13.97 19.02 20.59
CA GLU A 274 12.97 19.80 19.85
C GLU A 274 12.50 19.12 18.58
N CYS A 275 13.44 18.61 17.79
CA CYS A 275 13.22 18.23 16.39
C CYS A 275 13.30 16.71 16.14
N MET A 276 12.50 15.94 16.90
CA MET A 276 12.43 14.49 16.72
C MET A 276 11.62 14.10 15.50
N ASP A 277 11.94 12.93 14.94
CA ASP A 277 11.25 12.36 13.78
C ASP A 277 11.68 10.92 13.60
N PHE A 278 10.95 10.20 12.76
CA PHE A 278 11.15 8.76 12.55
C PHE A 278 12.60 8.39 12.35
N ALA A 279 13.25 8.97 11.36
CA ALA A 279 14.66 8.66 11.08
C ALA A 279 15.55 8.84 12.32
N THR A 280 15.36 9.95 13.03
CA THR A 280 16.13 10.26 14.21
C THR A 280 15.90 9.24 15.34
N GLU A 281 14.63 8.98 15.65
CA GLU A 281 14.25 7.97 16.65
C GLU A 281 15.02 6.68 16.44
N LEU A 282 15.06 6.23 15.18
CA LEU A 282 15.72 4.99 14.81
C LEU A 282 17.20 5.09 15.05
N ILE A 283 17.80 6.14 14.50
CA ILE A 283 19.24 6.40 14.61
C ILE A 283 19.69 6.47 16.07
N LEU A 284 18.89 7.12 16.92
CA LEU A 284 19.17 7.15 18.34
C LEU A 284 19.08 5.78 19.00
N ALA A 285 18.11 4.96 18.57
CA ALA A 285 17.98 3.58 19.06
C ALA A 285 19.19 2.73 18.72
N GLU A 286 19.72 2.88 17.50
CA GLU A 286 21.00 2.27 17.09
C GLU A 286 22.14 2.72 17.99
N LYS A 287 22.19 4.03 18.27
CA LYS A 287 23.23 4.63 19.10
C LYS A 287 23.16 4.19 20.55
N ARG A 288 22.01 3.71 21.01
CA ARG A 288 21.95 2.94 22.25
C ARG A 288 22.53 1.56 21.90
N GLY A 289 21.72 0.53 21.80
CA GLY A 289 22.17 -0.64 21.04
C GLY A 289 21.02 -1.52 20.58
N ASP A 290 19.89 -0.88 20.38
CA ASP A 290 18.61 -1.57 20.23
C ASP A 290 18.43 -2.06 18.81
N LEU A 291 19.09 -1.39 17.85
CA LEU A 291 18.87 -1.62 16.43
C LEU A 291 20.21 -1.68 15.71
N THR A 292 20.17 -2.22 14.49
CA THR A 292 21.33 -2.38 13.64
C THR A 292 21.25 -1.39 12.48
N ARG A 293 22.38 -0.74 12.19
CA ARG A 293 22.51 0.19 11.05
C ARG A 293 21.81 -0.32 9.79
N GLU A 294 22.10 -1.55 9.39
CA GLU A 294 21.43 -2.22 8.26
C GLU A 294 19.92 -2.15 8.37
N ASN A 295 19.40 -2.51 9.55
CA ASN A 295 17.97 -2.51 9.82
C ASN A 295 17.39 -1.09 9.78
N VAL A 296 18.03 -0.16 10.47
CA VAL A 296 17.65 1.25 10.40
C VAL A 296 17.47 1.68 8.96
N ASN A 297 18.51 1.46 8.18
CA ASN A 297 18.54 1.88 6.80
C ASN A 297 17.37 1.32 5.99
N GLN A 298 16.96 0.09 6.28
CA GLN A 298 15.82 -0.50 5.58
C GLN A 298 14.51 0.10 6.04
N CYS A 299 14.38 0.39 7.34
CA CYS A 299 13.16 1.05 7.88
C CYS A 299 12.91 2.43 7.29
N ILE A 300 13.99 3.18 7.14
CA ILE A 300 13.94 4.48 6.49
C ILE A 300 13.51 4.31 5.02
N LEU A 301 14.13 3.37 4.31
CA LEU A 301 13.71 2.98 2.94
C LEU A 301 12.24 2.67 2.92
N GLU A 302 11.82 1.81 3.85
CA GLU A 302 10.44 1.32 3.87
C GLU A 302 9.40 2.40 4.15
N MET A 303 9.74 3.38 4.98
CA MET A 303 8.81 4.50 5.26
C MET A 303 8.64 5.43 4.05
N LEU A 304 9.74 5.71 3.36
CA LEU A 304 9.74 6.53 2.16
C LEU A 304 8.98 5.95 0.97
N ILE A 305 9.12 4.66 0.73
CA ILE A 305 8.42 4.04 -0.40
C ILE A 305 6.93 3.82 -0.16
N ALA A 306 6.52 3.71 1.10
CA ALA A 306 5.19 3.18 1.45
C ALA A 306 4.04 3.93 0.78
N ALA A 307 4.07 5.25 0.88
CA ALA A 307 3.00 6.08 0.35
C ALA A 307 3.07 6.23 -1.20
N PRO A 308 4.25 6.55 -1.76
CA PRO A 308 4.39 6.46 -3.21
C PRO A 308 3.89 5.14 -3.81
N ASP A 309 4.14 4.02 -3.14
CA ASP A 309 3.67 2.73 -3.65
C ASP A 309 2.15 2.60 -3.64
N THR A 310 1.48 3.05 -2.60
CA THR A 310 0.09 2.70 -2.38
C THR A 310 -0.90 3.86 -2.46
N MET A 311 -0.63 4.94 -1.73
CA MET A 311 -1.51 6.13 -1.71
C MET A 311 -1.76 6.67 -3.11
N SER A 312 -0.67 6.84 -3.85
CA SER A 312 -0.73 7.46 -5.16
C SER A 312 -1.66 6.66 -6.10
N VAL A 313 -1.51 5.34 -6.13
CA VAL A 313 -2.39 4.50 -6.96
C VAL A 313 -3.86 4.52 -6.47
N SER A 314 -4.05 4.60 -5.17
CA SER A 314 -5.41 4.68 -4.60
C SER A 314 -6.06 6.00 -4.97
N LEU A 315 -5.32 7.09 -4.84
CA LEU A 315 -5.85 8.41 -5.18
C LEU A 315 -6.06 8.52 -6.68
N PHE A 316 -5.22 7.85 -7.45
CA PHE A 316 -5.40 7.81 -8.88
C PHE A 316 -6.76 7.21 -9.17
N PHE A 317 -6.97 5.96 -8.75
CA PHE A 317 -8.27 5.31 -8.91
C PHE A 317 -9.43 6.17 -8.39
N MET A 318 -9.23 6.82 -7.25
CA MET A 318 -10.26 7.71 -6.69
C MET A 318 -10.57 8.86 -7.63
N LEU A 319 -9.55 9.47 -8.21
CA LEU A 319 -9.75 10.53 -9.22
C LEU A 319 -10.53 10.09 -10.48
N PHE A 320 -10.29 8.87 -10.93
CA PHE A 320 -11.05 8.30 -12.05
C PHE A 320 -12.50 7.97 -11.72
N LEU A 321 -12.78 7.78 -10.44
CA LEU A 321 -14.15 7.59 -10.00
C LEU A 321 -14.84 8.94 -9.93
N ILE A 322 -14.19 9.94 -9.36
CA ILE A 322 -14.75 11.29 -9.32
C ILE A 322 -15.08 11.80 -10.72
N ALA A 323 -14.19 11.56 -11.68
CA ALA A 323 -14.41 11.95 -13.06
C ALA A 323 -15.72 11.42 -13.59
N LYS A 324 -15.94 10.11 -13.47
CA LYS A 324 -17.12 9.45 -14.02
C LYS A 324 -18.32 9.32 -13.05
N HIS A 325 -18.32 10.07 -11.96
CA HIS A 325 -19.43 10.05 -10.98
C HIS A 325 -19.74 11.46 -10.49
N PRO A 326 -20.43 12.26 -11.35
CA PRO A 326 -20.65 13.69 -11.08
C PRO A 326 -21.63 13.96 -9.91
N ASN A 327 -22.65 13.13 -9.81
CA ASN A 327 -23.51 13.01 -8.59
C ASN A 327 -22.71 13.09 -7.27
N VAL A 328 -21.65 12.30 -7.16
CA VAL A 328 -20.84 12.20 -5.95
C VAL A 328 -19.93 13.41 -5.80
N GLU A 329 -19.28 13.80 -6.89
CA GLU A 329 -18.39 14.98 -6.92
C GLU A 329 -19.04 16.24 -6.33
N GLU A 330 -20.30 16.47 -6.67
CA GLU A 330 -21.06 17.62 -6.14
C GLU A 330 -21.16 17.55 -4.63
N ALA A 331 -21.67 16.41 -4.15
CA ALA A 331 -21.80 16.15 -2.71
C ALA A 331 -20.50 16.43 -1.96
N ILE A 332 -19.39 15.95 -2.50
CA ILE A 332 -18.06 16.21 -1.93
C ILE A 332 -17.73 17.71 -1.92
N ILE A 333 -17.97 18.38 -3.05
CA ILE A 333 -17.67 19.81 -3.18
C ILE A 333 -18.54 20.66 -2.25
N LYS A 334 -19.83 20.29 -2.17
CA LYS A 334 -20.77 20.94 -1.26
C LYS A 334 -20.29 20.83 0.18
N GLU A 335 -19.86 19.62 0.56
CA GLU A 335 -19.31 19.36 1.89
C GLU A 335 -18.08 20.21 2.19
N ILE A 336 -17.21 20.36 1.19
CA ILE A 336 -16.00 21.14 1.37
C ILE A 336 -16.36 22.60 1.64
N GLN A 337 -17.31 23.14 0.87
CA GLN A 337 -17.81 24.52 1.07
C GLN A 337 -18.31 24.70 2.51
N THR A 338 -19.29 23.88 2.88
CA THR A 338 -19.89 23.87 4.22
C THR A 338 -18.85 23.87 5.33
N VAL A 339 -17.95 22.90 5.28
CA VAL A 339 -17.06 22.57 6.38
C VAL A 339 -15.80 23.43 6.37
N ILE A 340 -15.19 23.61 5.21
CA ILE A 340 -13.89 24.29 5.09
C ILE A 340 -13.95 25.71 4.51
N GLY A 341 -14.84 25.94 3.53
CA GLY A 341 -14.91 27.23 2.85
C GLY A 341 -13.65 27.45 2.05
N GLU A 342 -13.01 28.60 2.25
CA GLU A 342 -11.66 28.86 1.72
C GLU A 342 -10.71 29.19 2.87
N ARG A 343 -10.75 28.33 3.87
CA ARG A 343 -9.79 28.30 4.95
C ARG A 343 -8.85 27.15 4.61
N ASP A 344 -7.64 27.17 5.16
CA ASP A 344 -6.72 26.04 5.00
C ASP A 344 -7.20 24.80 5.78
N ILE A 345 -6.91 23.62 5.24
CA ILE A 345 -7.34 22.35 5.83
C ILE A 345 -6.62 22.16 7.17
N LYS A 346 -7.40 21.80 8.17
CA LYS A 346 -6.96 21.69 9.56
C LYS A 346 -7.44 20.35 10.13
N ILE A 347 -6.65 19.78 11.04
CA ILE A 347 -6.94 18.48 11.65
C ILE A 347 -8.40 18.28 12.12
N ASP A 348 -8.99 19.33 12.69
CA ASP A 348 -10.35 19.26 13.23
C ASP A 348 -11.39 19.10 12.13
N ASP A 349 -11.05 19.56 10.92
CA ASP A 349 -11.93 19.42 9.77
C ASP A 349 -12.09 17.99 9.28
N ILE A 350 -11.10 17.12 9.50
CA ILE A 350 -11.10 15.82 8.78
C ILE A 350 -12.20 14.86 9.24
N GLN A 351 -12.55 14.87 10.53
CA GLN A 351 -13.66 14.04 11.03
C GLN A 351 -15.00 14.48 10.45
N LYS A 352 -15.15 15.80 10.26
CA LYS A 352 -16.37 16.40 9.69
C LYS A 352 -16.65 16.04 8.23
N LEU A 353 -15.61 15.66 7.48
CA LEU A 353 -15.74 15.34 6.06
C LEU A 353 -16.30 13.94 5.89
N LYS A 354 -17.58 13.77 6.23
CA LYS A 354 -18.20 12.44 6.31
C LYS A 354 -18.39 11.80 4.93
N VAL A 355 -18.84 12.59 3.97
CA VAL A 355 -19.07 12.10 2.60
C VAL A 355 -17.79 11.62 1.95
N MET A 356 -16.73 12.43 2.01
CA MET A 356 -15.47 12.06 1.42
C MET A 356 -14.91 10.78 2.04
N GLU A 357 -14.98 10.71 3.36
CA GLU A 357 -14.66 9.49 4.11
C GLU A 357 -15.34 8.28 3.45
N ASN A 358 -16.64 8.37 3.23
CA ASN A 358 -17.38 7.28 2.59
C ASN A 358 -16.98 7.03 1.15
N PHE A 359 -16.70 8.11 0.44
CA PHE A 359 -16.16 8.01 -0.91
C PHE A 359 -14.85 7.22 -0.93
N ILE A 360 -13.94 7.58 -0.04
CA ILE A 360 -12.66 6.90 0.07
C ILE A 360 -12.89 5.42 0.35
N TYR A 361 -13.71 5.13 1.37
CA TYR A 361 -13.98 3.73 1.73
C TYR A 361 -14.58 2.93 0.58
N GLU A 362 -15.54 3.53 -0.13
CA GLU A 362 -16.18 2.85 -1.24
C GLU A 362 -15.23 2.68 -2.42
N SER A 363 -14.35 3.66 -2.63
CA SER A 363 -13.33 3.53 -3.66
C SER A 363 -12.36 2.40 -3.34
N MET A 364 -11.97 2.29 -2.08
CA MET A 364 -11.09 1.21 -1.65
C MET A 364 -11.79 -0.14 -1.62
N ARG A 365 -13.10 -0.15 -1.39
CA ARG A 365 -13.89 -1.36 -1.45
C ARG A 365 -14.06 -1.83 -2.88
N TYR A 366 -14.57 -0.95 -3.74
CA TYR A 366 -14.90 -1.26 -5.12
C TYR A 366 -13.65 -1.51 -5.96
N GLN A 367 -12.71 -0.58 -5.93
CA GLN A 367 -11.46 -0.68 -6.68
C GLN A 367 -10.26 -0.65 -5.72
N PRO A 368 -9.96 -1.79 -5.08
CA PRO A 368 -8.83 -1.83 -4.17
C PRO A 368 -7.51 -1.75 -4.89
N VAL A 369 -6.49 -1.27 -4.19
CA VAL A 369 -5.11 -1.38 -4.65
C VAL A 369 -4.46 -2.56 -3.96
N VAL A 370 -4.61 -2.66 -2.65
CA VAL A 370 -4.10 -3.79 -1.86
C VAL A 370 -5.30 -4.71 -1.58
N ASP A 371 -5.57 -5.55 -2.56
CA ASP A 371 -6.71 -6.45 -2.52
C ASP A 371 -6.38 -7.76 -1.82
N LEU A 372 -5.11 -7.99 -1.48
CA LEU A 372 -4.75 -9.22 -0.80
C LEU A 372 -3.58 -9.06 0.17
N VAL A 373 -3.55 -9.96 1.15
CA VAL A 373 -2.70 -9.87 2.33
C VAL A 373 -2.11 -11.23 2.65
N MET A 374 -0.82 -11.24 2.95
CA MET A 374 -0.05 -12.46 3.13
C MET A 374 0.33 -12.62 4.58
N ARG A 375 -0.14 -13.71 5.18
CA ARG A 375 0.23 -14.07 6.54
C ARG A 375 0.80 -15.49 6.61
N LYS A 376 1.29 -15.86 7.79
CA LYS A 376 1.78 -17.22 8.03
C LYS A 376 1.36 -17.63 9.44
N ALA A 377 1.02 -18.92 9.60
CA ALA A 377 0.65 -19.48 10.89
C ALA A 377 1.90 -19.84 11.70
N LEU A 378 2.01 -19.24 12.88
CA LEU A 378 3.14 -19.47 13.79
C LEU A 378 2.86 -20.58 14.80
N GLU A 379 1.58 -20.80 15.09
CA GLU A 379 1.12 -21.96 15.83
C GLU A 379 -0.03 -22.67 15.10
N ASP A 380 -0.26 -23.92 15.50
CA ASP A 380 -1.36 -24.72 14.95
C ASP A 380 -2.66 -24.15 15.46
N ASP A 381 -3.73 -24.34 14.68
CA ASP A 381 -5.08 -23.92 15.08
C ASP A 381 -6.14 -24.55 14.17
N VAL A 382 -7.37 -24.57 14.67
CA VAL A 382 -8.56 -24.80 13.84
C VAL A 382 -9.11 -23.41 13.45
N ILE A 383 -9.51 -23.28 12.19
CA ILE A 383 -9.85 -21.98 11.61
C ILE A 383 -11.12 -22.19 10.75
N ASP A 384 -12.22 -21.56 11.17
CA ASP A 384 -13.58 -21.97 10.77
C ASP A 384 -13.71 -23.49 10.93
N GLY A 385 -13.78 -24.24 9.84
CA GLY A 385 -13.93 -25.70 9.92
C GLY A 385 -12.59 -26.42 9.97
N TYR A 386 -11.58 -25.84 9.33
CA TYR A 386 -10.45 -26.61 8.82
C TYR A 386 -9.24 -26.50 9.77
N PRO A 387 -8.43 -27.57 9.86
CA PRO A 387 -7.20 -27.50 10.65
C PRO A 387 -6.06 -26.86 9.84
N VAL A 388 -5.20 -26.10 10.51
CA VAL A 388 -4.11 -25.36 9.86
C VAL A 388 -2.84 -25.50 10.66
N LYS A 389 -1.88 -26.23 10.11
CA LYS A 389 -0.61 -26.47 10.79
C LYS A 389 0.24 -25.19 10.81
N LYS A 390 1.19 -25.10 11.74
CA LYS A 390 2.13 -23.98 11.73
C LYS A 390 3.06 -24.09 10.51
N GLY A 391 3.61 -22.96 10.09
CA GLY A 391 4.37 -22.87 8.85
C GLY A 391 3.50 -22.81 7.60
N THR A 392 2.16 -22.80 7.77
CA THR A 392 1.24 -22.76 6.64
C THR A 392 1.12 -21.32 6.19
N ASN A 393 1.33 -21.11 4.89
CA ASN A 393 1.18 -19.78 4.31
C ASN A 393 -0.31 -19.47 4.15
N ILE A 394 -0.66 -18.19 4.22
CA ILE A 394 -2.04 -17.72 4.09
C ILE A 394 -2.11 -16.54 3.14
N ILE A 395 -3.10 -16.52 2.27
CA ILE A 395 -3.40 -15.32 1.49
C ILE A 395 -4.85 -14.94 1.72
N LEU A 396 -5.06 -13.85 2.45
CA LEU A 396 -6.37 -13.30 2.64
C LEU A 396 -6.73 -12.45 1.43
N ASN A 397 -7.76 -12.86 0.72
CA ASN A 397 -8.18 -12.20 -0.52
C ASN A 397 -9.24 -11.16 -0.19
N ILE A 398 -8.82 -10.09 0.47
CA ILE A 398 -9.77 -9.11 1.02
C ILE A 398 -10.61 -8.38 -0.03
N GLY A 399 -10.09 -8.29 -1.25
CA GLY A 399 -10.81 -7.64 -2.35
C GLY A 399 -12.04 -8.41 -2.80
N ARG A 400 -11.91 -9.74 -2.87
CA ARG A 400 -13.04 -10.62 -3.16
C ARG A 400 -14.06 -10.67 -2.01
N MET A 401 -13.54 -10.76 -0.80
CA MET A 401 -14.35 -10.72 0.40
C MET A 401 -15.28 -9.50 0.45
N HIS A 402 -14.81 -8.34 0.00
CA HIS A 402 -15.63 -7.12 -0.01
C HIS A 402 -16.73 -7.10 -1.07
N ARG A 403 -16.80 -8.14 -1.88
CA ARG A 403 -17.87 -8.31 -2.85
C ARG A 403 -18.79 -9.49 -2.54
N LEU A 404 -18.44 -10.31 -1.56
CA LEU A 404 -19.18 -11.53 -1.27
C LEU A 404 -20.00 -11.49 0.03
N GLU A 405 -19.74 -10.55 0.93
CA GLU A 405 -20.25 -10.66 2.30
C GLU A 405 -21.32 -9.64 2.64
N PHE A 406 -20.95 -8.46 3.14
CA PHE A 406 -21.88 -7.66 3.97
C PHE A 406 -22.72 -6.67 3.16
N PHE A 407 -22.20 -6.23 2.02
CA PHE A 407 -22.70 -5.00 1.43
C PHE A 407 -23.95 -5.21 0.58
N PRO A 408 -24.88 -4.23 0.59
CA PRO A 408 -26.07 -4.32 -0.27
C PRO A 408 -25.78 -4.51 -1.75
N LYS A 409 -24.98 -3.62 -2.32
CA LYS A 409 -24.68 -3.60 -3.76
C LYS A 409 -23.17 -3.76 -4.01
N PRO A 410 -22.66 -4.98 -3.78
CA PRO A 410 -21.21 -5.24 -3.82
C PRO A 410 -20.53 -4.96 -5.15
N ASN A 411 -21.24 -5.17 -6.26
CA ASN A 411 -20.63 -5.11 -7.59
C ASN A 411 -20.85 -3.81 -8.31
N GLU A 412 -21.31 -2.77 -7.61
CA GLU A 412 -21.36 -1.45 -8.20
C GLU A 412 -20.87 -0.40 -7.21
N PHE A 413 -20.22 0.61 -7.74
CA PHE A 413 -19.71 1.72 -6.95
C PHE A 413 -20.88 2.63 -6.52
N THR A 414 -21.26 2.57 -5.25
CA THR A 414 -22.33 3.40 -4.69
C THR A 414 -22.05 3.74 -3.25
N LEU A 415 -22.35 4.97 -2.84
CA LEU A 415 -22.23 5.34 -1.43
C LEU A 415 -23.38 4.81 -0.55
N GLU A 416 -24.37 4.16 -1.18
CA GLU A 416 -25.37 3.40 -0.44
C GLU A 416 -24.76 2.23 0.33
N ASN A 417 -23.64 1.70 -0.15
CA ASN A 417 -22.89 0.67 0.58
C ASN A 417 -22.34 1.13 1.93
N PHE A 418 -22.17 2.44 2.10
CA PHE A 418 -21.68 3.02 3.35
C PHE A 418 -22.69 3.99 3.98
N ALA A 419 -23.97 3.76 3.70
CA ALA A 419 -25.06 4.55 4.27
C ALA A 419 -25.35 4.13 5.71
N LYS A 420 -25.13 2.86 6.02
CA LYS A 420 -25.27 2.32 7.38
C LYS A 420 -23.93 1.83 7.89
N ASN A 421 -23.43 2.50 8.93
CA ASN A 421 -22.22 2.11 9.68
C ASN A 421 -21.73 0.69 9.45
N VAL A 422 -20.56 0.53 8.83
CA VAL A 422 -20.04 -0.82 8.53
C VAL A 422 -19.19 -1.39 9.67
N PRO A 423 -19.57 -2.59 10.15
CA PRO A 423 -18.74 -3.27 11.15
C PRO A 423 -17.35 -3.60 10.60
N TYR A 424 -16.32 -3.35 11.40
CA TYR A 424 -14.94 -3.59 10.96
C TYR A 424 -14.57 -5.03 10.73
N ARG A 425 -15.44 -5.96 11.10
CA ARG A 425 -15.22 -7.36 10.79
C ARG A 425 -15.79 -7.80 9.44
N TYR A 426 -16.46 -6.90 8.72
CA TYR A 426 -16.91 -7.17 7.33
C TYR A 426 -16.19 -6.34 6.26
N PHE A 427 -15.29 -5.46 6.68
CA PHE A 427 -14.60 -4.56 5.76
C PHE A 427 -13.27 -4.18 6.38
N GLN A 428 -12.25 -4.95 6.03
CA GLN A 428 -10.87 -4.60 6.36
C GLN A 428 -10.01 -4.18 5.16
N PRO A 429 -10.05 -2.88 4.81
CA PRO A 429 -9.19 -2.37 3.74
C PRO A 429 -7.71 -2.23 4.13
N PHE A 430 -7.44 -2.02 5.42
CA PHE A 430 -6.07 -1.86 5.93
C PHE A 430 -5.63 -3.04 6.79
N GLY A 431 -6.52 -3.99 7.06
CA GLY A 431 -6.28 -4.97 8.10
C GLY A 431 -6.36 -4.35 9.50
N PHE A 432 -6.30 -5.21 10.52
CA PHE A 432 -6.27 -4.77 11.93
C PHE A 432 -5.46 -5.75 12.76
N GLY A 433 -5.45 -5.54 14.07
CA GLY A 433 -4.74 -6.45 14.95
C GLY A 433 -3.27 -6.11 15.00
N PRO A 434 -2.45 -7.00 15.59
CA PRO A 434 -1.06 -6.66 15.86
C PRO A 434 -0.17 -6.40 14.65
N ARG A 435 -0.60 -6.85 13.46
CA ARG A 435 0.17 -6.63 12.24
C ARG A 435 -0.65 -5.95 11.13
N GLY A 436 -1.72 -5.23 11.50
CA GLY A 436 -2.51 -4.47 10.51
C GLY A 436 -1.70 -3.30 9.98
N CYS A 437 -2.22 -2.61 8.98
CA CYS A 437 -1.49 -1.48 8.37
C CYS A 437 -1.05 -0.49 9.44
N ALA A 438 0.25 -0.22 9.50
CA ALA A 438 0.77 0.81 10.41
C ALA A 438 0.30 2.22 10.03
N GLY A 439 0.02 2.44 8.75
CA GLY A 439 -0.45 3.72 8.29
C GLY A 439 -1.94 3.88 8.26
N LYS A 440 -2.70 2.92 8.78
CA LYS A 440 -4.14 2.89 8.52
C LYS A 440 -4.86 4.20 8.88
N TYR A 441 -4.44 4.83 9.98
CA TYR A 441 -5.10 6.04 10.47
C TYR A 441 -4.59 7.23 9.69
N ILE A 442 -3.28 7.43 9.66
CA ILE A 442 -2.67 8.54 8.97
C ILE A 442 -2.99 8.53 7.46
N ALA A 443 -3.17 7.35 6.88
CA ALA A 443 -3.48 7.24 5.45
C ALA A 443 -4.81 7.90 5.13
N MET A 444 -5.81 7.62 5.93
CA MET A 444 -7.11 8.27 5.80
C MET A 444 -7.01 9.80 5.90
N VAL A 445 -6.14 10.29 6.78
CA VAL A 445 -5.90 11.72 6.87
C VAL A 445 -5.32 12.24 5.57
N MET A 446 -4.27 11.58 5.09
CA MET A 446 -3.57 12.02 3.89
C MET A 446 -4.47 12.03 2.66
N MET A 447 -5.35 11.03 2.53
CA MET A 447 -6.23 10.94 1.36
C MET A 447 -7.27 12.04 1.38
N LYS A 448 -7.86 12.28 2.53
CA LYS A 448 -8.79 13.41 2.71
C LYS A 448 -8.07 14.72 2.46
N ALA A 449 -6.86 14.84 2.99
CA ALA A 449 -6.05 16.04 2.83
C ALA A 449 -5.82 16.40 1.35
N ILE A 450 -5.39 15.43 0.54
CA ILE A 450 -5.05 15.73 -0.85
C ILE A 450 -6.29 15.87 -1.76
N LEU A 451 -7.35 15.10 -1.50
CA LEU A 451 -8.57 15.21 -2.32
C LEU A 451 -9.21 16.55 -2.14
N VAL A 452 -9.36 16.97 -0.88
CA VAL A 452 -9.80 18.33 -0.59
C VAL A 452 -8.97 19.32 -1.38
N THR A 453 -7.66 19.38 -1.14
CA THR A 453 -6.86 20.45 -1.76
C THR A 453 -6.88 20.42 -3.31
N LEU A 454 -7.02 19.24 -3.91
CA LEU A 454 -7.07 19.13 -5.35
C LEU A 454 -8.44 19.50 -5.91
N LEU A 455 -9.50 18.89 -5.40
CA LEU A 455 -10.86 19.13 -5.89
C LEU A 455 -11.40 20.53 -5.56
N ARG A 456 -10.90 21.13 -4.48
CA ARG A 456 -11.10 22.54 -4.22
C ARG A 456 -10.77 23.37 -5.46
N ARG A 457 -9.64 23.05 -6.08
CA ARG A 457 -9.02 23.88 -7.12
C ARG A 457 -9.31 23.46 -8.56
N PHE A 458 -9.59 22.18 -8.81
CA PHE A 458 -9.70 21.66 -10.18
C PHE A 458 -10.81 20.65 -10.39
N HIS A 459 -11.55 20.81 -11.49
N HIS A 459 -11.56 20.83 -11.48
CA HIS A 459 -12.39 19.74 -12.02
CA HIS A 459 -12.40 19.75 -12.03
C HIS A 459 -11.43 18.74 -12.65
C HIS A 459 -11.43 18.73 -12.64
N VAL A 460 -11.77 17.45 -12.57
CA VAL A 460 -10.93 16.39 -13.18
C VAL A 460 -11.71 15.62 -14.24
N LYS A 461 -11.14 15.64 -15.45
CA LYS A 461 -11.72 14.97 -16.63
C LYS A 461 -10.83 13.79 -16.95
N THR A 462 -11.42 12.77 -17.53
CA THR A 462 -10.67 11.59 -17.97
C THR A 462 -10.78 11.45 -19.50
N LEU A 463 -9.66 11.18 -20.16
CA LEU A 463 -9.59 11.12 -21.65
C LEU A 463 -10.40 9.96 -22.26
N GLN A 464 -11.16 10.25 -23.33
CA GLN A 464 -12.07 9.26 -23.93
C GLN A 464 -13.15 8.82 -22.92
N GLY A 465 -13.79 7.68 -23.16
CA GLY A 465 -14.66 7.08 -22.15
C GLY A 465 -13.97 6.45 -20.95
N GLN A 466 -12.64 6.45 -20.93
CA GLN A 466 -11.85 5.73 -19.91
C GLN A 466 -12.37 5.90 -18.48
N CYS A 467 -12.48 4.77 -17.77
CA CYS A 467 -12.90 4.72 -16.37
C CYS A 467 -12.05 3.65 -15.67
N VAL A 468 -12.21 3.51 -14.36
CA VAL A 468 -11.46 2.47 -13.63
C VAL A 468 -11.69 1.06 -14.19
N GLU A 469 -12.92 0.80 -14.63
CA GLU A 469 -13.30 -0.51 -15.16
C GLU A 469 -12.61 -0.79 -16.50
N SER A 470 -12.48 0.24 -17.33
CA SER A 470 -11.84 0.10 -18.64
C SER A 470 -10.31 0.27 -18.62
N ILE A 471 -9.73 0.71 -17.50
CA ILE A 471 -8.26 0.76 -17.35
C ILE A 471 -7.75 -0.65 -17.37
N GLN A 472 -6.63 -0.87 -18.03
CA GLN A 472 -6.03 -2.20 -18.09
C GLN A 472 -5.08 -2.29 -16.91
N LYS A 473 -5.37 -3.20 -15.99
CA LYS A 473 -4.65 -3.34 -14.72
C LYS A 473 -3.80 -4.60 -14.67
N ILE A 474 -2.62 -4.48 -14.06
CA ILE A 474 -1.83 -5.64 -13.62
C ILE A 474 -2.30 -6.02 -12.22
N HIS A 475 -2.38 -7.31 -11.95
CA HIS A 475 -2.94 -7.82 -10.72
C HIS A 475 -2.07 -8.92 -10.12
N ASP A 476 -0.90 -8.50 -9.64
CA ASP A 476 0.08 -9.40 -9.06
C ASP A 476 0.15 -9.15 -7.54
N LEU A 477 1.16 -8.42 -7.06
CA LEU A 477 1.36 -8.21 -5.62
C LEU A 477 0.29 -7.26 -5.12
N SER A 478 0.20 -6.12 -5.80
CA SER A 478 -0.90 -5.19 -5.63
C SER A 478 -1.75 -5.24 -6.90
N LEU A 479 -2.76 -4.38 -6.96
CA LEU A 479 -3.62 -4.22 -8.11
C LEU A 479 -3.48 -2.79 -8.57
N HIS A 480 -2.82 -2.59 -9.71
CA HIS A 480 -2.46 -1.25 -10.17
C HIS A 480 -2.51 -1.16 -11.69
N PRO A 481 -2.58 0.07 -12.24
CA PRO A 481 -2.67 0.19 -13.67
C PRO A 481 -1.41 -0.32 -14.36
N ASP A 482 -1.59 -0.96 -15.51
CA ASP A 482 -0.51 -1.31 -16.42
C ASP A 482 -0.04 -0.02 -17.07
N GLU A 483 1.20 0.35 -16.76
CA GLU A 483 1.75 1.63 -17.18
C GLU A 483 2.36 1.60 -18.58
N THR A 484 2.51 0.41 -19.15
CA THR A 484 2.97 0.25 -20.53
C THR A 484 1.85 0.58 -21.53
N LYS A 485 0.60 0.55 -21.09
CA LYS A 485 -0.50 1.19 -21.82
C LYS A 485 -0.44 2.71 -21.70
N ASN A 486 -1.38 3.39 -22.35
CA ASN A 486 -1.52 4.84 -22.27
C ASN A 486 -3.00 5.17 -22.01
N MET A 487 -3.42 6.43 -22.18
CA MET A 487 -4.76 6.91 -21.78
C MET A 487 -5.00 6.89 -20.24
N LEU A 488 -3.90 6.89 -19.49
CA LEU A 488 -3.90 7.00 -18.03
C LEU A 488 -3.78 8.46 -17.56
N GLU A 489 -3.64 9.39 -18.50
CA GLU A 489 -3.55 10.79 -18.16
C GLU A 489 -4.94 11.35 -17.88
N MET A 490 -4.96 12.54 -17.30
CA MET A 490 -6.20 13.25 -16.96
C MET A 490 -6.07 14.72 -17.35
N ILE A 491 -7.18 15.45 -17.26
CA ILE A 491 -7.22 16.88 -17.55
C ILE A 491 -7.75 17.65 -16.35
N PHE A 492 -7.02 18.69 -15.95
CA PHE A 492 -7.35 19.51 -14.76
C PHE A 492 -7.79 20.90 -15.20
N THR A 493 -9.09 21.14 -15.25
CA THR A 493 -9.61 22.49 -15.56
C THR A 493 -10.06 23.15 -14.25
N PRO A 494 -9.74 24.45 -14.06
CA PRO A 494 -10.07 25.14 -12.80
C PRO A 494 -11.53 25.18 -12.35
N ARG A 495 -11.75 25.77 -11.16
CA ARG A 495 -13.07 26.15 -10.65
C ARG A 495 -13.16 27.68 -10.55
N ASN A 496 -14.38 28.20 -10.38
CA ASN A 496 -14.65 29.65 -10.33
C ASN A 496 -14.15 30.42 -11.57
CHA HEM B . 0.62 -3.14 5.83
CHB HEM B . -3.11 -1.39 3.38
CHC HEM B . -1.02 2.96 3.33
CHD HEM B . 2.55 1.26 6.00
C1A HEM B . -0.58 -3.01 5.19
C2A HEM B . -1.49 -4.07 5.03
C3A HEM B . -2.55 -3.59 4.34
C4A HEM B . -2.29 -2.23 4.08
CMA HEM B . -3.76 -4.40 3.94
CAA HEM B . -1.37 -5.50 5.53
CBA HEM B . -1.78 -5.47 7.00
CGA HEM B . -2.08 -6.86 7.51
O1A HEM B . -1.29 -7.80 7.32
O2A HEM B . -3.12 -7.06 8.17
C1B HEM B . -2.84 -0.04 3.11
C2B HEM B . -3.69 0.80 2.34
C3B HEM B . -3.13 2.04 2.32
C4B HEM B . -1.88 1.90 3.11
CMB HEM B . -4.98 0.34 1.70
CAB HEM B . -3.56 3.31 1.66
CBB HEM B . -4.60 3.48 0.84
C1C HEM B . 0.13 2.91 4.10
C2C HEM B . 0.96 4.00 4.41
C3C HEM B . 2.02 3.50 5.19
C4C HEM B . 1.76 2.12 5.33
CMC HEM B . 0.73 5.44 3.96
CAC HEM B . 3.18 4.21 5.81
CBC HEM B . 3.41 5.52 5.75
C1D HEM B . 2.27 -0.08 6.11
C2D HEM B . 3.22 -0.95 6.81
C3D HEM B . 2.68 -2.18 6.78
C4D HEM B . 1.43 -2.06 6.04
CMD HEM B . 4.51 -0.53 7.44
CAD HEM B . 3.30 -3.42 7.34
CBD HEM B . 2.86 -3.67 8.77
CGD HEM B . 3.58 -4.90 9.27
O1D HEM B . 3.92 -4.95 10.48
O2D HEM B . 3.80 -5.86 8.50
NA HEM B . -1.09 -1.88 4.60
NB HEM B . -1.81 0.66 3.55
NC HEM B . 0.62 1.79 4.67
ND HEM B . 1.20 -0.77 5.67
FE HEM B . -0.25 -0.10 4.67
C1 ASD C . 3.18 -1.97 2.25
C10 ASD C . 2.15 -2.56 1.26
C11 ASD C . 1.84 -4.61 2.83
C12 ASD C . 1.77 -6.14 2.96
C13 ASD C . 0.84 -6.72 1.91
C14 ASD C . 1.39 -6.31 0.57
C15 ASD C . 0.70 -7.23 -0.43
C16 ASD C . 0.69 -8.58 0.27
C17 ASD C . 0.82 -8.21 1.73
C18 ASD C . -0.62 -6.33 2.19
C19 ASD C . 0.80 -1.93 1.52
C2 ASD C . 3.72 -0.59 1.93
C3 ASD C . 4.20 -0.55 0.51
C4 ASD C . 3.50 -1.35 -0.51
C5 ASD C . 2.54 -2.24 -0.17
C6 ASD C . 1.81 -2.97 -1.27
C7 ASD C . 1.90 -4.47 -1.03
C8 ASD C . 1.34 -4.81 0.34
C9 ASD C . 2.17 -4.10 1.40
O1 ASD C . 5.18 0.11 0.24
O2 ASD C . 0.90 -9.03 2.63
#